data_5BSU
#
_entry.id   5BSU
#
_cell.length_a   82.348
_cell.length_b   82.348
_cell.length_c   181.678
_cell.angle_alpha   90.000
_cell.angle_beta   90.000
_cell.angle_gamma   90.000
#
_symmetry.space_group_name_H-M   'P 41 21 2'
#
loop_
_entity.id
_entity.type
_entity.pdbx_description
1 polymer '4-coumarate--CoA ligase 2'
2 non-polymer "5'-O-[(R)-{[(2E)-3-(3,4-dioxocyclohexa-1,5-dien-1-yl)prop-2-enoyl]oxy}(hydroxy)phosphoryl]adenosine"
3 non-polymer GLYCEROL
4 non-polymer 'MAGNESIUM ION'
5 water water
#
_entity_poly.entity_id   1
_entity_poly.type   'polypeptide(L)'
_entity_poly.pdbx_seq_one_letter_code
;MEKDTKQVDIIFRSKLPDIYIPNHLPLHSYCFENISEFSSRPCLINGANKQIYTYADVELNSRKVAAGLHKQGIQPKDTI
MILLPNSPEFVFAFIGASYLGAISTMANPLFTPAEVVKQAKASSAKIIVTQACHVNKVKDYAFENDVKIICIDSAPEGCL
HFSVLTQANEHDIPEVEIQPDDVVALPYSSGTTGLPKGVMLTHKGLVTSVAQQVDGENPNLYIHSEDVMLCVLPLFHIYS
LNSVLLCGLRVGAAILIMQKFDIVSFLELIQRYKVTIGPFVPPIVLAIAKSPMVDDYDLSSVRTVMSGAAPLGKELEDTV
RAKFPNAKLGQGYGMTEAGPVLAMCLAFAKEPFEIKSGACGTVVRNAEMKIVDPKTGNSLPRNQSGEICIRGDQIMKGYL
NDPEATARTIDKEGWLYTGDIGYIDDDDELFIVDRLKELIKYKGFQVAPAELEALLLNHPNISDAAVVPMKDEQAGEVPV
AFVVRSNGSTITEDEVKDFISKQVIFYKRIKRVFFVDAIPKSPSGKILRKDLRAKLAAGLPN
;
_entity_poly.pdbx_strand_id   A
#
loop_
_chem_comp.id
_chem_comp.type
_chem_comp.name
_chem_comp.formula
4UV non-polymer 5'-O-[(R)-{[(2E)-3-(3,4-dioxocyclohexa-1,5-dien-1-yl)prop-2-enoyl]oxy}(hydroxy)phosphoryl]adenosine 'C19 H18 N5 O10 P'
GOL non-polymer GLYCEROL 'C3 H8 O3'
MG non-polymer 'MAGNESIUM ION' 'Mg 2'
#
# COMPACT_ATOMS: atom_id res chain seq x y z
N VAL A 8 0.04 33.74 3.78
CA VAL A 8 -1.13 32.85 3.51
C VAL A 8 -0.68 31.63 2.69
N ASP A 9 -1.28 30.48 3.01
CA ASP A 9 -1.06 29.27 2.23
C ASP A 9 -1.66 29.39 0.83
N ILE A 10 -0.86 29.02 -0.18
CA ILE A 10 -1.32 28.94 -1.55
C ILE A 10 -1.84 27.52 -1.77
N ILE A 11 -3.13 27.41 -2.04
CA ILE A 11 -3.80 26.12 -2.05
C ILE A 11 -4.18 25.67 -3.47
N PHE A 12 -3.86 24.42 -3.77
CA PHE A 12 -4.14 23.81 -5.06
C PHE A 12 -5.26 22.78 -4.92
N ARG A 13 -6.10 22.69 -5.96
CA ARG A 13 -7.21 21.74 -5.96
C ARG A 13 -7.32 21.06 -7.32
N SER A 14 -8.18 20.05 -7.40
CA SER A 14 -8.36 19.27 -8.62
C SER A 14 -9.00 20.10 -9.73
N LYS A 15 -8.76 19.70 -10.97
CA LYS A 15 -9.45 20.29 -12.12
C LYS A 15 -10.88 19.75 -12.23
N LEU A 16 -11.14 18.66 -11.49
CA LEU A 16 -12.50 18.13 -11.32
C LEU A 16 -13.23 18.86 -10.20
N PRO A 17 -14.56 19.00 -10.31
CA PRO A 17 -15.33 19.66 -9.27
C PRO A 17 -15.49 18.76 -8.06
N ASP A 18 -15.71 19.35 -6.89
CA ASP A 18 -16.06 18.56 -5.71
C ASP A 18 -17.37 17.80 -5.93
N ILE A 19 -17.46 16.63 -5.31
CA ILE A 19 -18.66 15.80 -5.38
C ILE A 19 -19.22 15.49 -4.01
N TYR A 20 -20.47 15.02 -3.98
CA TYR A 20 -21.01 14.46 -2.75
C TYR A 20 -20.35 13.12 -2.46
N ILE A 21 -19.87 12.97 -1.23
CA ILE A 21 -19.29 11.73 -0.74
C ILE A 21 -20.06 11.27 0.50
N PRO A 22 -20.65 10.06 0.44
CA PRO A 22 -21.43 9.56 1.57
C PRO A 22 -20.50 8.90 2.59
N ASN A 23 -19.54 9.68 3.11
CA ASN A 23 -18.55 9.14 4.04
C ASN A 23 -19.04 8.97 5.48
N HIS A 24 -20.36 9.06 5.67
CA HIS A 24 -21.00 8.65 6.91
C HIS A 24 -21.36 7.15 6.89
N LEU A 25 -21.21 6.51 5.74
CA LEU A 25 -21.51 5.08 5.59
C LEU A 25 -20.34 4.19 5.99
N PRO A 26 -20.61 3.07 6.67
CA PRO A 26 -19.53 2.10 6.85
C PRO A 26 -18.98 1.63 5.50
N LEU A 27 -17.72 1.22 5.49
CA LEU A 27 -17.02 0.89 4.26
C LEU A 27 -17.71 -0.23 3.47
N HIS A 28 -18.17 -1.27 4.15
CA HIS A 28 -18.88 -2.35 3.47
C HIS A 28 -20.19 -1.85 2.87
N SER A 29 -20.88 -0.94 3.57
CA SER A 29 -22.15 -0.39 3.09
C SER A 29 -21.95 0.47 1.85
N TYR A 30 -20.84 1.19 1.82
CA TYR A 30 -20.49 2.03 0.69
C TYR A 30 -20.02 1.19 -0.50
N CYS A 31 -19.10 0.26 -0.26
CA CYS A 31 -18.56 -0.56 -1.35
C CYS A 31 -19.62 -1.43 -2.01
N PHE A 32 -20.60 -1.86 -1.23
CA PHE A 32 -21.70 -2.69 -1.76
C PHE A 32 -22.99 -1.89 -1.98
N GLU A 33 -22.89 -0.56 -1.95
CA GLU A 33 -24.09 0.28 -2.05
C GLU A 33 -24.93 -0.04 -3.28
N ASN A 34 -24.25 -0.24 -4.41
CA ASN A 34 -24.92 -0.49 -5.68
C ASN A 34 -24.89 -1.96 -6.10
N ILE A 35 -24.70 -2.86 -5.14
CA ILE A 35 -24.54 -4.28 -5.44
C ILE A 35 -25.70 -4.91 -6.22
N SER A 36 -26.93 -4.40 -6.02
CA SER A 36 -28.08 -4.97 -6.73
C SER A 36 -27.98 -4.82 -8.26
N GLU A 37 -27.16 -3.88 -8.69
CA GLU A 37 -26.94 -3.63 -10.11
C GLU A 37 -25.97 -4.62 -10.77
N PHE A 38 -25.19 -5.32 -9.97
CA PHE A 38 -24.22 -6.28 -10.53
C PHE A 38 -24.02 -7.53 -9.68
N SER A 39 -25.05 -7.88 -8.91
CA SER A 39 -25.03 -9.02 -8.00
C SER A 39 -24.54 -10.31 -8.67
N SER A 40 -24.95 -10.52 -9.92
CA SER A 40 -24.65 -11.77 -10.62
C SER A 40 -23.33 -11.75 -11.41
N ARG A 41 -22.66 -10.59 -11.42
CA ARG A 41 -21.44 -10.38 -12.18
C ARG A 41 -20.22 -10.97 -11.46
N PRO A 42 -19.17 -11.35 -12.21
CA PRO A 42 -17.97 -11.86 -11.53
C PRO A 42 -17.29 -10.76 -10.72
N CYS A 43 -16.89 -11.12 -9.51
CA CYS A 43 -16.26 -10.19 -8.59
C CYS A 43 -14.79 -10.53 -8.38
N LEU A 44 -14.52 -11.74 -7.90
CA LEU A 44 -13.15 -12.23 -7.70
C LEU A 44 -12.87 -13.41 -8.60
N ILE A 45 -11.76 -13.34 -9.32
CA ILE A 45 -11.30 -14.45 -10.15
C ILE A 45 -9.94 -14.85 -9.61
N ASN A 46 -9.84 -16.07 -9.08
CA ASN A 46 -8.58 -16.53 -8.52
C ASN A 46 -7.69 -17.10 -9.62
N GLY A 47 -6.61 -16.40 -9.93
CA GLY A 47 -5.68 -16.83 -10.98
C GLY A 47 -5.01 -18.17 -10.72
N ALA A 48 -4.98 -18.57 -9.44
CA ALA A 48 -4.37 -19.84 -9.02
C ALA A 48 -5.14 -21.08 -9.51
N ASN A 49 -6.46 -21.06 -9.32
CA ASN A 49 -7.31 -22.23 -9.57
C ASN A 49 -8.47 -21.94 -10.51
N LYS A 50 -8.55 -20.69 -10.97
CA LYS A 50 -9.59 -20.21 -11.88
C LYS A 50 -10.99 -20.21 -11.24
N GLN A 51 -11.06 -20.27 -9.91
CA GLN A 51 -12.34 -20.16 -9.20
C GLN A 51 -12.85 -18.73 -9.32
N ILE A 52 -14.16 -18.61 -9.61
CA ILE A 52 -14.80 -17.30 -9.71
C ILE A 52 -15.89 -17.15 -8.65
N TYR A 53 -15.89 -15.99 -8.00
CA TYR A 53 -16.94 -15.63 -7.04
C TYR A 53 -17.67 -14.43 -7.59
N THR A 54 -19.01 -14.47 -7.55
CA THR A 54 -19.81 -13.34 -8.01
C THR A 54 -19.89 -12.31 -6.89
N TYR A 55 -20.42 -11.13 -7.21
CA TYR A 55 -20.66 -10.11 -6.17
C TYR A 55 -21.53 -10.61 -5.03
N ALA A 56 -22.63 -11.28 -5.39
CA ALA A 56 -23.51 -11.93 -4.42
C ALA A 56 -22.72 -12.87 -3.50
N ASP A 57 -21.86 -13.70 -4.10
CA ASP A 57 -20.99 -14.63 -3.36
C ASP A 57 -20.07 -13.91 -2.37
N VAL A 58 -19.43 -12.83 -2.85
CA VAL A 58 -18.44 -12.12 -2.05
C VAL A 58 -19.10 -11.44 -0.85
N GLU A 59 -20.24 -10.80 -1.10
CA GLU A 59 -20.99 -10.17 -0.02
C GLU A 59 -21.47 -11.21 0.99
N LEU A 60 -21.99 -12.34 0.49
CA LEU A 60 -22.47 -13.40 1.38
C LEU A 60 -21.35 -14.03 2.20
N ASN A 61 -20.27 -14.42 1.55
CA ASN A 61 -19.11 -15.01 2.24
C ASN A 61 -18.53 -14.06 3.27
N SER A 62 -18.50 -12.77 2.95
CA SER A 62 -17.98 -11.77 3.89
C SER A 62 -18.88 -11.70 5.13
N ARG A 63 -20.19 -11.75 4.92
CA ARG A 63 -21.13 -11.75 6.02
C ARG A 63 -21.05 -13.02 6.87
N LYS A 64 -20.87 -14.17 6.21
CA LYS A 64 -20.66 -15.43 6.94
C LYS A 64 -19.38 -15.36 7.78
N VAL A 65 -18.32 -14.81 7.20
CA VAL A 65 -17.05 -14.68 7.92
C VAL A 65 -17.17 -13.72 9.10
N ALA A 66 -17.93 -12.64 8.93
CA ALA A 66 -18.22 -11.72 10.04
C ALA A 66 -18.87 -12.47 11.20
N ALA A 67 -19.89 -13.27 10.90
CA ALA A 67 -20.55 -14.08 11.94
C ALA A 67 -19.59 -15.06 12.61
N GLY A 68 -18.72 -15.69 11.81
CA GLY A 68 -17.72 -16.63 12.32
C GLY A 68 -16.70 -15.96 13.20
N LEU A 69 -16.22 -14.78 12.77
CA LEU A 69 -15.28 -14.02 13.58
C LEU A 69 -15.87 -13.61 14.93
N HIS A 70 -17.15 -13.22 14.93
CA HIS A 70 -17.86 -12.86 16.16
C HIS A 70 -17.90 -14.06 17.11
N LYS A 71 -18.19 -15.24 16.56
CA LYS A 71 -18.22 -16.49 17.34
C LYS A 71 -16.85 -16.88 17.91
N GLN A 72 -15.78 -16.45 17.25
CA GLN A 72 -14.41 -16.67 17.73
C GLN A 72 -13.94 -15.59 18.71
N GLY A 73 -14.79 -14.59 18.96
CA GLY A 73 -14.52 -13.59 19.99
C GLY A 73 -14.20 -12.18 19.53
N ILE A 74 -14.32 -11.93 18.23
CA ILE A 74 -14.07 -10.59 17.71
C ILE A 74 -15.24 -9.65 18.00
N GLN A 75 -14.97 -8.65 18.82
CA GLN A 75 -15.91 -7.61 19.17
C GLN A 75 -15.59 -6.34 18.38
N PRO A 76 -16.54 -5.38 18.35
CA PRO A 76 -16.20 -4.09 17.75
C PRO A 76 -14.92 -3.52 18.34
N LYS A 77 -14.05 -3.00 17.47
CA LYS A 77 -12.77 -2.37 17.84
C LYS A 77 -11.64 -3.38 18.15
N ASP A 78 -11.96 -4.67 18.09
CA ASP A 78 -10.93 -5.71 18.15
C ASP A 78 -10.21 -5.76 16.81
N THR A 79 -9.05 -6.42 16.80
CA THR A 79 -8.19 -6.46 15.62
C THR A 79 -7.88 -7.89 15.21
N ILE A 80 -7.95 -8.15 13.92
CA ILE A 80 -7.41 -9.39 13.36
C ILE A 80 -6.20 -9.07 12.51
N MET A 81 -5.29 -10.03 12.38
CA MET A 81 -4.16 -9.88 11.48
C MET A 81 -4.34 -10.82 10.31
N ILE A 82 -4.27 -10.26 9.11
CA ILE A 82 -4.29 -11.06 7.89
C ILE A 82 -2.85 -11.25 7.42
N LEU A 83 -2.43 -12.51 7.35
CA LEU A 83 -1.09 -12.88 6.94
C LEU A 83 -1.18 -13.81 5.73
N LEU A 84 -1.66 -13.26 4.62
CA LEU A 84 -2.00 -14.04 3.43
C LEU A 84 -1.51 -13.40 2.15
N PRO A 85 -1.23 -14.23 1.13
CA PRO A 85 -1.04 -13.68 -0.20
C PRO A 85 -2.40 -13.27 -0.77
N ASN A 86 -2.40 -12.60 -1.92
CA ASN A 86 -3.67 -12.24 -2.57
C ASN A 86 -4.54 -13.47 -2.74
N SER A 87 -5.77 -13.39 -2.26
CA SER A 87 -6.66 -14.55 -2.19
C SER A 87 -8.08 -14.10 -1.86
N PRO A 88 -9.08 -14.92 -2.25
CA PRO A 88 -10.46 -14.64 -1.84
C PRO A 88 -10.59 -14.55 -0.32
N GLU A 89 -9.87 -15.42 0.41
CA GLU A 89 -9.90 -15.40 1.86
C GLU A 89 -9.45 -14.06 2.47
N PHE A 90 -8.43 -13.45 1.90
CA PHE A 90 -8.00 -12.12 2.32
C PHE A 90 -9.20 -11.17 2.29
N VAL A 91 -9.91 -11.18 1.17
CA VAL A 91 -11.05 -10.30 0.97
C VAL A 91 -12.18 -10.57 1.98
N PHE A 92 -12.53 -11.84 2.17
CA PHE A 92 -13.62 -12.18 3.10
C PHE A 92 -13.27 -11.82 4.55
N ALA A 93 -12.01 -12.00 4.93
CA ALA A 93 -11.54 -11.65 6.26
C ALA A 93 -11.62 -10.14 6.46
N PHE A 94 -11.15 -9.39 5.46
CA PHE A 94 -11.11 -7.93 5.58
C PHE A 94 -12.52 -7.34 5.67
N ILE A 95 -13.40 -7.74 4.76
CA ILE A 95 -14.76 -7.21 4.74
C ILE A 95 -15.56 -7.74 5.94
N GLY A 96 -15.31 -9.00 6.30
CA GLY A 96 -15.94 -9.60 7.47
C GLY A 96 -15.68 -8.80 8.74
N ALA A 97 -14.43 -8.43 8.96
CA ALA A 97 -14.09 -7.64 10.14
C ALA A 97 -14.78 -6.27 10.09
N SER A 98 -14.86 -5.66 8.89
CA SER A 98 -15.57 -4.39 8.71
C SER A 98 -17.03 -4.49 9.19
N TYR A 99 -17.71 -5.58 8.84
CA TYR A 99 -19.11 -5.78 9.26
C TYR A 99 -19.28 -5.78 10.78
N LEU A 100 -18.23 -6.17 11.50
CA LEU A 100 -18.25 -6.24 12.97
C LEU A 100 -17.85 -4.93 13.64
N GLY A 101 -17.44 -3.95 12.83
CA GLY A 101 -16.85 -2.73 13.36
C GLY A 101 -15.47 -3.02 13.95
N ALA A 102 -14.80 -4.02 13.39
CA ALA A 102 -13.48 -4.47 13.82
C ALA A 102 -12.44 -4.00 12.82
N ILE A 103 -11.17 -4.27 13.14
CA ILE A 103 -10.02 -3.76 12.41
C ILE A 103 -9.21 -4.92 11.84
N SER A 104 -8.75 -4.78 10.59
CA SER A 104 -7.79 -5.73 10.04
C SER A 104 -6.43 -5.05 9.90
N THR A 105 -5.41 -5.65 10.51
CA THR A 105 -4.03 -5.30 10.18
C THR A 105 -3.56 -6.35 9.19
N MET A 106 -2.78 -5.92 8.21
CA MET A 106 -2.35 -6.83 7.17
C MET A 106 -0.84 -6.81 7.04
N ALA A 107 -0.26 -7.97 6.78
CA ALA A 107 1.18 -8.10 6.70
C ALA A 107 1.60 -9.08 5.62
N ASN A 108 2.79 -8.86 5.08
CA ASN A 108 3.41 -9.73 4.09
C ASN A 108 3.65 -11.13 4.68
N PRO A 109 3.08 -12.17 4.07
CA PRO A 109 3.27 -13.53 4.60
C PRO A 109 4.73 -14.00 4.57
N LEU A 110 5.58 -13.28 3.83
CA LEU A 110 7.00 -13.63 3.73
C LEU A 110 7.88 -12.92 4.76
N PHE A 111 7.25 -12.14 5.64
CA PHE A 111 7.96 -11.51 6.75
C PHE A 111 8.63 -12.58 7.61
N THR A 112 9.75 -12.22 8.25
CA THR A 112 10.37 -13.13 9.21
C THR A 112 9.47 -13.30 10.45
N PRO A 113 9.67 -14.38 11.22
CA PRO A 113 8.90 -14.58 12.44
C PRO A 113 8.93 -13.35 13.35
N ALA A 114 10.11 -12.76 13.52
CA ALA A 114 10.29 -11.56 14.35
C ALA A 114 9.47 -10.38 13.84
N GLU A 115 9.46 -10.19 12.52
CA GLU A 115 8.71 -9.09 11.89
C GLU A 115 7.20 -9.26 12.09
N VAL A 116 6.69 -10.48 11.90
CA VAL A 116 5.26 -10.76 12.05
C VAL A 116 4.83 -10.56 13.50
N VAL A 117 5.59 -11.14 14.43
CA VAL A 117 5.28 -11.07 15.85
C VAL A 117 5.29 -9.63 16.36
N LYS A 118 6.27 -8.85 15.91
CA LYS A 118 6.32 -7.42 16.26
C LYS A 118 5.02 -6.71 15.91
N GLN A 119 4.53 -6.94 14.69
CA GLN A 119 3.30 -6.30 14.24
C GLN A 119 2.07 -6.86 14.96
N ALA A 120 2.08 -8.16 15.23
CA ALA A 120 0.97 -8.80 15.97
C ALA A 120 0.83 -8.21 17.36
N LYS A 121 1.97 -8.01 18.03
CA LYS A 121 2.03 -7.40 19.35
C LYS A 121 1.56 -5.96 19.32
N ALA A 122 2.14 -5.19 18.39
CA ALA A 122 1.85 -3.76 18.28
C ALA A 122 0.38 -3.48 18.00
N SER A 123 -0.23 -4.33 17.17
CA SER A 123 -1.62 -4.17 16.73
C SER A 123 -2.64 -4.80 17.68
N SER A 124 -2.15 -5.56 18.66
CA SER A 124 -3.02 -6.35 19.56
C SER A 124 -3.96 -7.30 18.81
N ALA A 125 -3.46 -7.92 17.75
CA ALA A 125 -4.25 -8.85 16.95
C ALA A 125 -4.74 -10.02 17.80
N LYS A 126 -6.03 -10.31 17.72
CA LYS A 126 -6.66 -11.37 18.53
C LYS A 126 -6.65 -12.71 17.80
N ILE A 127 -6.66 -12.63 16.46
CA ILE A 127 -6.66 -13.79 15.59
C ILE A 127 -5.69 -13.47 14.46
N ILE A 128 -4.93 -14.47 14.05
CA ILE A 128 -4.07 -14.39 12.87
C ILE A 128 -4.59 -15.36 11.81
N VAL A 129 -4.87 -14.83 10.61
CA VAL A 129 -5.35 -15.65 9.51
C VAL A 129 -4.18 -15.86 8.55
N THR A 130 -3.83 -17.12 8.28
CA THR A 130 -2.62 -17.42 7.51
C THR A 130 -2.69 -18.74 6.74
N GLN A 131 -1.55 -19.18 6.20
CA GLN A 131 -1.43 -20.49 5.58
C GLN A 131 -0.66 -21.42 6.51
N ALA A 132 -0.90 -22.72 6.35
CA ALA A 132 -0.24 -23.74 7.19
C ALA A 132 1.27 -23.57 7.23
N CYS A 133 1.86 -23.25 6.07
CA CYS A 133 3.32 -23.15 5.96
C CYS A 133 3.92 -21.98 6.75
N HIS A 134 3.08 -21.05 7.20
CA HIS A 134 3.57 -19.91 7.98
C HIS A 134 3.22 -19.96 9.47
N VAL A 135 2.52 -21.01 9.89
CA VAL A 135 2.15 -21.19 11.31
C VAL A 135 3.37 -21.14 12.24
N ASN A 136 4.48 -21.73 11.78
CA ASN A 136 5.74 -21.74 12.55
C ASN A 136 6.24 -20.35 12.93
N LYS A 137 5.86 -19.34 12.15
CA LYS A 137 6.31 -17.97 12.39
C LYS A 137 5.67 -17.35 13.63
N VAL A 138 4.49 -17.84 13.99
CA VAL A 138 3.71 -17.24 15.07
C VAL A 138 3.23 -18.20 16.15
N LYS A 139 3.47 -19.51 15.96
CA LYS A 139 2.86 -20.52 16.83
C LYS A 139 3.16 -20.30 18.31
N ASP A 140 4.44 -20.15 18.64
CA ASP A 140 4.87 -19.97 20.03
C ASP A 140 4.30 -18.69 20.64
N TYR A 141 4.43 -17.59 19.91
CA TYR A 141 3.85 -16.33 20.35
C TYR A 141 2.35 -16.47 20.61
N ALA A 142 1.63 -17.07 19.66
CA ALA A 142 0.17 -17.18 19.73
C ALA A 142 -0.29 -18.08 20.88
N PHE A 143 0.43 -19.16 21.13
CA PHE A 143 0.13 -20.06 22.24
C PHE A 143 0.35 -19.39 23.60
N GLU A 144 1.46 -18.65 23.72
CA GLU A 144 1.79 -17.95 24.96
C GLU A 144 0.82 -16.81 25.27
N ASN A 145 0.11 -16.32 24.24
CA ASN A 145 -0.76 -15.16 24.37
C ASN A 145 -2.23 -15.40 24.01
N ASP A 146 -2.57 -16.67 23.77
CA ASP A 146 -3.94 -17.10 23.46
C ASP A 146 -4.50 -16.41 22.22
N VAL A 147 -3.62 -16.17 21.25
CA VAL A 147 -4.02 -15.66 19.94
C VAL A 147 -4.41 -16.85 19.07
N LYS A 148 -5.63 -16.80 18.53
CA LYS A 148 -6.14 -17.86 17.67
C LYS A 148 -5.50 -17.81 16.29
N ILE A 149 -5.10 -18.98 15.79
CA ILE A 149 -4.57 -19.07 14.43
C ILE A 149 -5.57 -19.80 13.54
N ILE A 150 -5.94 -19.16 12.44
CA ILE A 150 -6.87 -19.72 11.47
C ILE A 150 -6.15 -19.90 10.12
N CYS A 151 -6.10 -21.13 9.63
CA CYS A 151 -5.40 -21.43 8.38
C CYS A 151 -6.37 -21.65 7.23
N ILE A 152 -6.01 -21.15 6.05
CA ILE A 152 -6.90 -21.23 4.90
C ILE A 152 -6.77 -22.53 4.10
N ASP A 153 -5.71 -23.29 4.34
CA ASP A 153 -5.46 -24.53 3.59
C ASP A 153 -5.59 -25.80 4.44
N SER A 154 -4.76 -25.92 5.47
CA SER A 154 -4.85 -27.02 6.41
C SER A 154 -4.44 -26.53 7.79
N ALA A 155 -5.13 -26.99 8.82
CA ALA A 155 -4.86 -26.53 10.16
C ALA A 155 -3.96 -27.50 10.92
N PRO A 156 -2.74 -27.06 11.28
CA PRO A 156 -1.87 -27.85 12.16
C PRO A 156 -2.45 -27.89 13.57
N GLU A 157 -1.80 -28.62 14.46
CA GLU A 157 -2.28 -28.75 15.84
C GLU A 157 -2.37 -27.38 16.53
N GLY A 158 -3.50 -27.13 17.16
CA GLY A 158 -3.73 -25.87 17.85
C GLY A 158 -4.19 -24.72 16.93
N CYS A 159 -4.55 -25.06 15.70
CA CYS A 159 -5.07 -24.09 14.73
C CYS A 159 -6.47 -24.48 14.26
N LEU A 160 -7.20 -23.50 13.75
CA LEU A 160 -8.51 -23.72 13.17
C LEU A 160 -8.46 -23.61 11.66
N HIS A 161 -9.39 -24.26 10.97
CA HIS A 161 -9.51 -24.09 9.53
C HIS A 161 -10.43 -22.91 9.23
N PHE A 162 -10.14 -22.21 8.12
CA PHE A 162 -10.93 -21.05 7.70
C PHE A 162 -12.41 -21.40 7.48
N SER A 163 -12.67 -22.68 7.21
CA SER A 163 -14.04 -23.17 7.04
C SER A 163 -14.90 -22.92 8.28
N VAL A 164 -14.28 -22.85 9.47
CA VAL A 164 -15.01 -22.58 10.72
C VAL A 164 -15.62 -21.17 10.71
N LEU A 165 -15.04 -20.29 9.90
CA LEU A 165 -15.58 -18.95 9.69
C LEU A 165 -16.67 -18.94 8.62
N THR A 166 -16.44 -19.65 7.52
CA THR A 166 -17.40 -19.70 6.43
C THR A 166 -18.60 -20.61 6.72
N GLN A 167 -18.49 -21.47 7.74
CA GLN A 167 -19.61 -22.34 8.17
C GLN A 167 -20.68 -21.56 8.91
N ALA A 168 -20.30 -20.38 9.40
CA ALA A 168 -21.18 -19.59 10.25
C ALA A 168 -22.38 -19.04 9.49
N ASN A 169 -23.45 -18.75 10.24
CA ASN A 169 -24.67 -18.22 9.66
C ASN A 169 -24.62 -16.70 9.60
N GLU A 170 -24.82 -16.16 8.40
CA GLU A 170 -24.81 -14.71 8.14
C GLU A 170 -25.82 -13.92 8.99
N HIS A 171 -26.86 -14.59 9.47
CA HIS A 171 -27.88 -13.93 10.31
C HIS A 171 -27.44 -13.76 11.76
N ASP A 172 -26.27 -14.29 12.10
CA ASP A 172 -25.74 -14.18 13.46
C ASP A 172 -24.76 -13.02 13.64
N ILE A 173 -24.68 -12.14 12.65
CA ILE A 173 -23.92 -10.89 12.79
C ILE A 173 -24.63 -10.03 13.83
N PRO A 174 -23.92 -9.66 14.91
CA PRO A 174 -24.53 -8.85 15.95
C PRO A 174 -24.90 -7.46 15.47
N GLU A 175 -25.90 -6.86 16.11
CA GLU A 175 -26.22 -5.46 15.87
C GLU A 175 -25.01 -4.65 16.31
N VAL A 176 -24.65 -3.67 15.50
CA VAL A 176 -23.47 -2.85 15.74
C VAL A 176 -23.74 -1.42 15.28
N GLU A 177 -23.18 -0.46 16.01
CA GLU A 177 -23.29 0.95 15.64
C GLU A 177 -21.88 1.41 15.25
N ILE A 178 -21.56 1.27 13.98
CA ILE A 178 -20.24 1.71 13.50
C ILE A 178 -20.29 3.22 13.28
N GLN A 179 -19.26 3.91 13.75
CA GLN A 179 -19.14 5.36 13.57
C GLN A 179 -18.18 5.67 12.41
N PRO A 180 -18.36 6.84 11.77
CA PRO A 180 -17.47 7.21 10.67
C PRO A 180 -15.98 7.20 11.05
N ASP A 181 -15.64 7.70 12.23
CA ASP A 181 -14.23 7.74 12.66
C ASP A 181 -13.70 6.41 13.25
N ASP A 182 -14.48 5.34 13.19
CA ASP A 182 -13.98 4.03 13.65
C ASP A 182 -12.93 3.50 12.68
N VAL A 183 -11.86 2.94 13.22
CA VAL A 183 -10.79 2.36 12.42
C VAL A 183 -11.26 1.06 11.76
N VAL A 184 -10.87 0.84 10.50
CA VAL A 184 -11.21 -0.42 9.82
C VAL A 184 -9.98 -1.14 9.23
N ALA A 185 -8.93 -0.36 8.92
CA ALA A 185 -7.70 -0.93 8.37
C ALA A 185 -6.48 -0.37 9.08
N LEU A 186 -5.51 -1.24 9.33
CA LEU A 186 -4.29 -0.85 10.04
C LEU A 186 -3.04 -1.35 9.34
N PRO A 187 -2.76 -0.80 8.14
CA PRO A 187 -1.47 -1.09 7.51
C PRO A 187 -0.36 -0.41 8.29
N TYR A 188 0.84 -0.96 8.23
CA TYR A 188 2.00 -0.37 8.91
C TYR A 188 2.86 0.45 7.96
N SER A 189 3.34 1.60 8.45
CA SER A 189 4.17 2.51 7.66
C SER A 189 5.12 3.28 8.57
N SER A 190 6.34 3.51 8.12
CA SER A 190 7.30 4.32 8.89
C SER A 190 7.09 5.83 8.72
N GLY A 191 6.25 6.22 7.76
CA GLY A 191 5.94 7.64 7.58
C GLY A 191 7.17 8.45 7.21
N THR A 192 7.33 9.61 7.84
CA THR A 192 8.39 10.54 7.46
C THR A 192 9.70 10.37 8.24
N THR A 193 9.67 9.52 9.27
CA THR A 193 10.90 9.17 9.99
C THR A 193 10.63 8.02 10.96
N GLY A 194 11.69 7.26 11.24
CA GLY A 194 11.63 6.25 12.29
C GLY A 194 11.11 4.89 11.88
N LEU A 195 10.51 4.18 12.84
CA LEU A 195 10.11 2.78 12.66
C LEU A 195 8.69 2.66 12.12
N PRO A 196 8.33 1.47 11.58
CA PRO A 196 6.94 1.25 11.19
C PRO A 196 5.96 1.48 12.32
N LYS A 197 4.87 2.18 11.98
CA LYS A 197 3.82 2.54 12.92
C LYS A 197 2.48 2.11 12.32
N GLY A 198 1.48 1.92 13.18
CA GLY A 198 0.16 1.46 12.74
C GLY A 198 -0.64 2.63 12.24
N VAL A 199 -0.96 2.63 10.95
CA VAL A 199 -1.72 3.71 10.34
C VAL A 199 -3.21 3.43 10.48
N MET A 200 -3.89 4.23 11.30
CA MET A 200 -5.33 4.05 11.53
C MET A 200 -6.14 4.65 10.39
N LEU A 201 -6.63 3.79 9.51
CA LEU A 201 -7.50 4.21 8.41
C LEU A 201 -8.93 3.93 8.77
N THR A 202 -9.79 4.95 8.66
CA THR A 202 -11.16 4.84 9.16
C THR A 202 -12.16 4.54 8.04
N HIS A 203 -13.36 4.14 8.44
CA HIS A 203 -14.49 4.06 7.53
C HIS A 203 -14.63 5.35 6.72
N LYS A 204 -14.70 6.48 7.42
CA LYS A 204 -14.85 7.78 6.75
C LYS A 204 -13.71 8.04 5.77
N GLY A 205 -12.48 7.76 6.20
CA GLY A 205 -11.29 7.99 5.40
C GLY A 205 -11.27 7.19 4.10
N LEU A 206 -11.55 5.89 4.22
CA LEU A 206 -11.48 5.00 3.07
C LEU A 206 -12.62 5.22 2.10
N VAL A 207 -13.82 5.50 2.62
CA VAL A 207 -14.96 5.88 1.77
C VAL A 207 -14.61 7.13 0.96
N THR A 208 -14.03 8.14 1.62
CA THR A 208 -13.61 9.37 0.95
C THR A 208 -12.58 9.08 -0.15
N SER A 209 -11.57 8.28 0.16
CA SER A 209 -10.50 8.01 -0.79
C SER A 209 -11.02 7.27 -2.03
N VAL A 210 -11.86 6.26 -1.80
CA VAL A 210 -12.45 5.49 -2.91
C VAL A 210 -13.31 6.41 -3.78
N ALA A 211 -14.16 7.21 -3.14
CA ALA A 211 -15.04 8.15 -3.86
C ALA A 211 -14.22 9.15 -4.69
N GLN A 212 -13.14 9.66 -4.11
CA GLN A 212 -12.24 10.58 -4.81
C GLN A 212 -11.75 10.00 -6.14
N GLN A 213 -11.55 8.68 -6.15
CA GLN A 213 -11.06 8.01 -7.34
C GLN A 213 -12.15 7.64 -8.34
N VAL A 214 -13.21 6.97 -7.89
CA VAL A 214 -14.15 6.31 -8.82
C VAL A 214 -15.56 6.89 -8.90
N ASP A 215 -15.92 7.78 -7.99
CA ASP A 215 -17.27 8.36 -7.98
C ASP A 215 -17.34 9.66 -8.77
N GLY A 216 -18.55 10.16 -8.99
CA GLY A 216 -18.76 11.43 -9.70
C GLY A 216 -19.20 11.25 -11.13
N GLU A 217 -19.77 12.30 -11.71
CA GLU A 217 -20.20 12.26 -13.11
C GLU A 217 -19.01 12.04 -14.06
N ASN A 218 -17.89 12.71 -13.76
CA ASN A 218 -16.64 12.43 -14.41
C ASN A 218 -15.62 11.93 -13.39
N PRO A 219 -15.59 10.60 -13.13
CA PRO A 219 -14.64 10.06 -12.14
C PRO A 219 -13.19 10.26 -12.57
N ASN A 220 -12.30 10.46 -11.60
CA ASN A 220 -10.86 10.62 -11.85
C ASN A 220 -10.26 9.35 -12.44
N LEU A 221 -10.68 8.22 -11.90
CA LEU A 221 -10.25 6.91 -12.38
C LEU A 221 -11.51 6.16 -12.79
N TYR A 222 -11.76 6.15 -14.09
CA TYR A 222 -13.00 5.58 -14.61
C TYR A 222 -12.90 4.06 -14.74
N ILE A 223 -13.64 3.38 -13.86
CA ILE A 223 -13.75 1.92 -13.87
C ILE A 223 -15.25 1.61 -13.77
N HIS A 224 -15.69 0.61 -14.51
CA HIS A 224 -17.10 0.23 -14.51
C HIS A 224 -17.26 -1.30 -14.40
N SER A 225 -18.51 -1.76 -14.40
CA SER A 225 -18.82 -3.14 -14.05
C SER A 225 -18.48 -4.16 -15.14
N GLU A 226 -18.06 -3.69 -16.31
CA GLU A 226 -17.59 -4.60 -17.36
C GLU A 226 -16.07 -4.70 -17.44
N ASP A 227 -15.37 -3.91 -16.64
CA ASP A 227 -13.91 -3.97 -16.60
C ASP A 227 -13.41 -5.23 -15.89
N VAL A 228 -12.21 -5.66 -16.29
CA VAL A 228 -11.49 -6.75 -15.62
C VAL A 228 -10.19 -6.11 -15.18
N MET A 229 -10.00 -6.04 -13.86
CA MET A 229 -8.85 -5.35 -13.29
C MET A 229 -7.89 -6.37 -12.72
N LEU A 230 -6.61 -6.25 -13.08
CA LEU A 230 -5.63 -7.20 -12.59
C LEU A 230 -5.23 -6.82 -11.17
N CYS A 231 -5.19 -7.82 -10.29
CA CYS A 231 -4.77 -7.62 -8.92
C CYS A 231 -3.49 -8.42 -8.71
N VAL A 232 -2.39 -7.87 -9.20
CA VAL A 232 -1.07 -8.51 -9.02
C VAL A 232 -0.31 -7.82 -7.87
N LEU A 233 -0.68 -6.59 -7.57
CA LEU A 233 -0.08 -5.86 -6.46
C LEU A 233 -0.62 -6.44 -5.16
N PRO A 234 0.21 -6.47 -4.10
CA PRO A 234 -0.24 -7.15 -2.87
C PRO A 234 -1.33 -6.39 -2.10
N LEU A 235 -2.39 -7.11 -1.74
CA LEU A 235 -3.49 -6.54 -0.98
C LEU A 235 -3.11 -6.13 0.44
N PHE A 236 -1.98 -6.66 0.94
CA PHE A 236 -1.51 -6.28 2.26
C PHE A 236 -0.82 -4.91 2.27
N HIS A 237 -0.67 -4.32 1.08
CA HIS A 237 -0.22 -2.95 0.93
C HIS A 237 -1.38 -2.09 0.43
N ILE A 238 -1.37 -0.82 0.81
CA ILE A 238 -2.51 0.08 0.65
C ILE A 238 -2.90 0.39 -0.81
N TYR A 239 -1.93 0.36 -1.72
CA TYR A 239 -2.20 0.63 -3.15
C TYR A 239 -3.23 -0.38 -3.68
N SER A 240 -2.91 -1.66 -3.59
CA SER A 240 -3.83 -2.68 -4.09
C SER A 240 -5.10 -2.71 -3.24
N LEU A 241 -4.95 -2.62 -1.92
CA LEU A 241 -6.11 -2.68 -1.03
C LEU A 241 -7.16 -1.63 -1.42
N ASN A 242 -6.72 -0.40 -1.61
CA ASN A 242 -7.64 0.68 -1.88
C ASN A 242 -7.99 0.81 -3.36
N SER A 243 -6.97 1.03 -4.21
CA SER A 243 -7.23 1.34 -5.62
C SER A 243 -7.67 0.16 -6.46
N VAL A 244 -7.36 -1.05 -6.02
CA VAL A 244 -7.77 -2.25 -6.76
C VAL A 244 -9.00 -2.86 -6.10
N LEU A 245 -8.88 -3.35 -4.87
CA LEU A 245 -10.01 -4.02 -4.24
C LEU A 245 -11.18 -3.09 -3.93
N LEU A 246 -10.96 -2.08 -3.11
CA LEU A 246 -12.08 -1.25 -2.65
C LEU A 246 -12.74 -0.48 -3.80
N CYS A 247 -11.92 0.11 -4.66
CA CYS A 247 -12.42 0.82 -5.85
C CYS A 247 -13.11 -0.13 -6.83
N GLY A 248 -12.54 -1.32 -7.02
CA GLY A 248 -13.13 -2.33 -7.89
C GLY A 248 -14.51 -2.75 -7.44
N LEU A 249 -14.65 -3.04 -6.14
CA LEU A 249 -15.93 -3.44 -5.56
C LEU A 249 -16.99 -2.36 -5.72
N ARG A 250 -16.59 -1.12 -5.44
CA ARG A 250 -17.49 0.04 -5.53
C ARG A 250 -18.20 0.13 -6.89
N VAL A 251 -17.47 -0.17 -7.97
CA VAL A 251 -18.00 0.00 -9.33
C VAL A 251 -18.46 -1.32 -9.98
N GLY A 252 -18.26 -2.44 -9.30
CA GLY A 252 -18.75 -3.73 -9.79
C GLY A 252 -17.83 -4.41 -10.80
N ALA A 253 -16.56 -4.00 -10.81
CA ALA A 253 -15.57 -4.60 -11.72
C ALA A 253 -15.18 -6.02 -11.30
N ALA A 254 -14.67 -6.79 -12.27
CA ALA A 254 -14.08 -8.09 -11.99
C ALA A 254 -12.64 -7.87 -11.59
N ILE A 255 -12.21 -8.57 -10.55
CA ILE A 255 -10.87 -8.43 -9.98
C ILE A 255 -10.14 -9.76 -10.15
N LEU A 256 -9.09 -9.75 -10.96
CA LEU A 256 -8.35 -10.96 -11.31
C LEU A 256 -7.12 -11.07 -10.41
N ILE A 257 -7.18 -12.00 -9.47
CA ILE A 257 -6.17 -12.10 -8.40
C ILE A 257 -4.98 -12.94 -8.86
N MET A 258 -3.77 -12.40 -8.70
CA MET A 258 -2.53 -13.18 -8.84
C MET A 258 -1.83 -13.24 -7.49
N GLN A 259 -1.32 -14.41 -7.10
CA GLN A 259 -0.62 -14.56 -5.82
C GLN A 259 0.82 -14.07 -5.86
N LYS A 260 1.42 -14.10 -7.04
CA LYS A 260 2.80 -13.67 -7.21
C LYS A 260 2.95 -13.20 -8.64
N PHE A 261 3.91 -12.30 -8.89
CA PHE A 261 4.24 -11.94 -10.25
C PHE A 261 5.08 -13.05 -10.89
N ASP A 262 4.63 -13.47 -12.07
CA ASP A 262 5.37 -14.38 -12.93
C ASP A 262 5.05 -13.87 -14.31
N ILE A 263 6.09 -13.60 -15.12
CA ILE A 263 5.89 -12.94 -16.42
C ILE A 263 4.98 -13.73 -17.36
N VAL A 264 5.16 -15.04 -17.40
CA VAL A 264 4.32 -15.91 -18.24
C VAL A 264 2.86 -15.88 -17.80
N SER A 265 2.62 -16.10 -16.50
CA SER A 265 1.27 -16.04 -15.95
C SER A 265 0.62 -14.69 -16.18
N PHE A 266 1.38 -13.63 -15.92
CA PHE A 266 0.94 -12.24 -16.11
C PHE A 266 0.44 -12.00 -17.54
N LEU A 267 1.26 -12.35 -18.52
CA LEU A 267 0.90 -12.19 -19.93
C LEU A 267 -0.26 -13.10 -20.36
N GLU A 268 -0.24 -14.35 -19.90
CA GLU A 268 -1.30 -15.30 -20.23
C GLU A 268 -2.66 -14.80 -19.72
N LEU A 269 -2.67 -14.28 -18.49
CA LEU A 269 -3.91 -13.80 -17.86
C LEU A 269 -4.48 -12.56 -18.52
N ILE A 270 -3.61 -11.59 -18.84
CA ILE A 270 -4.04 -10.40 -19.56
C ILE A 270 -4.67 -10.77 -20.90
N GLN A 271 -4.00 -11.62 -21.67
CA GLN A 271 -4.48 -12.01 -22.99
C GLN A 271 -5.76 -12.83 -22.90
N ARG A 272 -5.76 -13.80 -22.01
CA ARG A 272 -6.83 -14.78 -21.88
C ARG A 272 -8.12 -14.14 -21.34
N TYR A 273 -8.00 -13.39 -20.23
CA TYR A 273 -9.17 -12.78 -19.59
C TYR A 273 -9.54 -11.41 -20.15
N LYS A 274 -8.73 -10.92 -21.08
CA LYS A 274 -8.94 -9.62 -21.70
C LYS A 274 -8.97 -8.53 -20.63
N VAL A 275 -7.93 -8.52 -19.81
CA VAL A 275 -7.77 -7.52 -18.75
C VAL A 275 -7.87 -6.11 -19.34
N THR A 276 -8.64 -5.25 -18.68
CA THR A 276 -8.81 -3.89 -19.19
C THR A 276 -8.13 -2.81 -18.34
N ILE A 277 -7.92 -3.11 -17.05
CA ILE A 277 -7.26 -2.17 -16.12
C ILE A 277 -6.00 -2.80 -15.55
N GLY A 278 -4.87 -2.14 -15.73
CA GLY A 278 -3.58 -2.65 -15.26
C GLY A 278 -2.96 -1.75 -14.21
N PRO A 279 -3.20 -2.05 -12.91
CA PRO A 279 -2.58 -1.30 -11.83
C PRO A 279 -1.21 -1.92 -11.51
N PHE A 280 -0.16 -1.21 -11.91
CA PHE A 280 1.19 -1.73 -11.85
C PHE A 280 2.12 -0.86 -10.99
N VAL A 281 3.35 -1.33 -10.83
CA VAL A 281 4.44 -0.56 -10.23
C VAL A 281 5.59 -0.53 -11.25
N PRO A 282 6.58 0.38 -11.08
CA PRO A 282 7.63 0.47 -12.09
C PRO A 282 8.38 -0.84 -12.47
N PRO A 283 8.68 -1.73 -11.49
CA PRO A 283 9.35 -3.00 -11.86
C PRO A 283 8.54 -3.87 -12.83
N ILE A 284 7.22 -3.84 -12.72
CA ILE A 284 6.37 -4.57 -13.66
C ILE A 284 6.47 -3.93 -15.04
N VAL A 285 6.39 -2.61 -15.08
CA VAL A 285 6.55 -1.83 -16.31
C VAL A 285 7.88 -2.18 -16.97
N LEU A 286 8.94 -2.28 -16.16
CA LEU A 286 10.28 -2.63 -16.64
C LEU A 286 10.33 -4.03 -17.24
N ALA A 287 9.68 -4.99 -16.57
CA ALA A 287 9.57 -6.36 -17.08
C ALA A 287 8.83 -6.41 -18.43
N ILE A 288 7.77 -5.63 -18.58
CA ILE A 288 7.02 -5.52 -19.84
C ILE A 288 7.88 -4.94 -20.97
N ALA A 289 8.71 -3.95 -20.63
CA ALA A 289 9.59 -3.29 -21.61
C ALA A 289 10.78 -4.16 -22.02
N LYS A 290 11.23 -5.03 -21.11
CA LYS A 290 12.45 -5.83 -21.32
C LYS A 290 12.25 -7.25 -21.86
N SER A 291 11.12 -7.88 -21.54
CA SER A 291 10.92 -9.31 -21.84
C SER A 291 10.72 -9.61 -23.33
N PRO A 292 11.50 -10.58 -23.86
CA PRO A 292 11.35 -11.04 -25.24
C PRO A 292 10.00 -11.68 -25.57
N MET A 293 9.32 -12.25 -24.57
CA MET A 293 8.07 -12.97 -24.86
C MET A 293 6.84 -12.06 -25.01
N VAL A 294 6.98 -10.80 -24.58
CA VAL A 294 5.89 -9.84 -24.65
C VAL A 294 5.32 -9.70 -26.09
N ASP A 295 6.19 -9.75 -27.09
CA ASP A 295 5.77 -9.61 -28.48
C ASP A 295 4.91 -10.78 -28.99
N ASP A 296 4.90 -11.89 -28.25
CA ASP A 296 4.09 -13.05 -28.62
C ASP A 296 2.67 -13.00 -28.07
N TYR A 297 2.34 -11.92 -27.36
CA TYR A 297 1.04 -11.78 -26.69
C TYR A 297 0.23 -10.61 -27.22
N ASP A 298 -1.09 -10.77 -27.14
CA ASP A 298 -2.04 -9.72 -27.49
C ASP A 298 -2.45 -9.02 -26.20
N LEU A 299 -1.99 -7.78 -26.03
CA LEU A 299 -2.30 -6.98 -24.84
C LEU A 299 -3.22 -5.81 -25.18
N SER A 300 -3.87 -5.89 -26.35
CA SER A 300 -4.73 -4.81 -26.84
C SER A 300 -5.97 -4.56 -25.98
N SER A 301 -6.36 -5.52 -25.14
CA SER A 301 -7.52 -5.35 -24.25
C SER A 301 -7.35 -4.26 -23.19
N VAL A 302 -6.10 -4.00 -22.79
CA VAL A 302 -5.83 -3.08 -21.70
C VAL A 302 -6.11 -1.65 -22.14
N ARG A 303 -7.00 -0.97 -21.43
CA ARG A 303 -7.38 0.40 -21.76
C ARG A 303 -6.81 1.45 -20.81
N THR A 304 -6.41 1.01 -19.61
CA THR A 304 -5.85 1.90 -18.61
C THR A 304 -4.66 1.21 -17.94
N VAL A 305 -3.51 1.85 -17.99
CA VAL A 305 -2.31 1.37 -17.29
C VAL A 305 -1.86 2.41 -16.29
N MET A 306 -1.86 2.04 -15.02
CA MET A 306 -1.39 2.94 -13.97
C MET A 306 -0.10 2.42 -13.35
N SER A 307 0.84 3.32 -13.13
CA SER A 307 2.02 3.03 -12.31
C SER A 307 1.99 3.92 -11.08
N GLY A 308 2.25 3.34 -9.91
CA GLY A 308 2.35 4.11 -8.68
C GLY A 308 3.39 3.52 -7.76
N ALA A 309 3.55 4.14 -6.59
CA ALA A 309 4.36 3.61 -5.46
C ALA A 309 5.85 3.96 -5.52
N ALA A 310 6.30 4.39 -6.70
CA ALA A 310 7.70 4.74 -6.93
C ALA A 310 7.79 5.52 -8.25
N PRO A 311 8.88 6.30 -8.44
CA PRO A 311 9.10 7.06 -9.68
C PRO A 311 9.12 6.18 -10.94
N LEU A 312 8.53 6.66 -12.03
CA LEU A 312 8.47 5.87 -13.27
C LEU A 312 9.50 6.30 -14.32
N GLY A 313 9.51 7.59 -14.68
CA GLY A 313 10.51 8.11 -15.62
C GLY A 313 10.23 7.90 -17.10
N LYS A 314 10.80 8.78 -17.92
CA LYS A 314 10.49 8.92 -19.35
C LYS A 314 10.73 7.67 -20.20
N GLU A 315 11.88 7.02 -20.03
CA GLU A 315 12.24 5.85 -20.85
C GLU A 315 11.23 4.71 -20.76
N LEU A 316 10.78 4.41 -19.55
CA LEU A 316 9.79 3.34 -19.35
C LEU A 316 8.41 3.75 -19.82
N GLU A 317 8.03 5.00 -19.59
CA GLU A 317 6.73 5.51 -20.04
C GLU A 317 6.53 5.32 -21.55
N ASP A 318 7.63 5.38 -22.31
CA ASP A 318 7.60 5.25 -23.77
C ASP A 318 7.26 3.85 -24.25
N THR A 319 7.89 2.84 -23.65
CA THR A 319 7.74 1.46 -24.10
C THR A 319 6.40 0.86 -23.66
N VAL A 320 5.82 1.39 -22.60
CA VAL A 320 4.47 1.01 -22.20
C VAL A 320 3.48 1.38 -23.30
N ARG A 321 3.64 2.59 -23.85
CA ARG A 321 2.82 3.05 -24.98
C ARG A 321 2.82 2.04 -26.12
N ALA A 322 4.00 1.52 -26.44
CA ALA A 322 4.18 0.58 -27.54
C ALA A 322 3.58 -0.79 -27.23
N LYS A 323 3.81 -1.27 -26.02
CA LYS A 323 3.37 -2.61 -25.62
C LYS A 323 1.88 -2.67 -25.29
N PHE A 324 1.30 -1.54 -24.92
CA PHE A 324 -0.15 -1.42 -24.68
C PHE A 324 -0.73 -0.35 -25.60
N PRO A 325 -0.95 -0.69 -26.89
CA PRO A 325 -1.31 0.32 -27.90
C PRO A 325 -2.64 1.02 -27.66
N ASN A 326 -3.56 0.38 -26.94
CA ASN A 326 -4.89 0.93 -26.70
C ASN A 326 -5.08 1.58 -25.34
N ALA A 327 -4.01 1.66 -24.56
CA ALA A 327 -4.13 2.11 -23.18
C ALA A 327 -3.82 3.59 -22.98
N LYS A 328 -4.59 4.21 -22.08
CA LYS A 328 -4.19 5.45 -21.44
C LYS A 328 -3.18 5.07 -20.37
N LEU A 329 -1.97 5.61 -20.43
CA LEU A 329 -0.95 5.33 -19.43
C LEU A 329 -0.68 6.57 -18.58
N GLY A 330 -0.51 6.36 -17.28
CA GLY A 330 -0.21 7.46 -16.40
C GLY A 330 0.12 6.95 -15.01
N GLN A 331 0.28 7.88 -14.09
CA GLN A 331 0.66 7.54 -12.73
C GLN A 331 -0.37 7.93 -11.70
N GLY A 332 -0.29 7.29 -10.54
CA GLY A 332 -0.99 7.71 -9.35
C GLY A 332 0.08 7.89 -8.29
N TYR A 333 -0.22 8.71 -7.30
CA TYR A 333 0.71 9.01 -6.23
C TYR A 333 -0.05 8.83 -4.92
N GLY A 334 0.46 7.93 -4.09
CA GLY A 334 -0.17 7.64 -2.81
C GLY A 334 0.85 7.54 -1.69
N MET A 335 0.34 7.57 -0.46
CA MET A 335 1.13 7.41 0.74
C MET A 335 0.16 6.80 1.74
N THR A 336 0.57 5.76 2.45
CA THR A 336 -0.33 5.08 3.39
C THR A 336 -1.11 6.07 4.29
N GLU A 337 -0.39 7.01 4.88
CA GLU A 337 -0.97 7.99 5.81
C GLU A 337 -1.97 8.93 5.14
N ALA A 338 -1.88 9.03 3.82
CA ALA A 338 -2.74 9.92 3.04
C ALA A 338 -4.02 9.25 2.59
N GLY A 339 -4.17 7.96 2.92
CA GLY A 339 -5.45 7.28 2.71
C GLY A 339 -5.75 6.25 1.62
N PRO A 340 -4.88 6.08 0.59
CA PRO A 340 -3.56 6.63 0.30
C PRO A 340 -3.44 7.69 -0.79
N VAL A 341 -4.45 7.85 -1.65
CA VAL A 341 -4.22 8.57 -2.92
C VAL A 341 -4.18 10.08 -2.74
N LEU A 342 -3.06 10.70 -3.13
CA LEU A 342 -2.95 12.16 -3.13
C LEU A 342 -3.30 12.74 -4.50
N ALA A 343 -2.81 12.08 -5.54
CA ALA A 343 -2.95 12.56 -6.91
C ALA A 343 -3.17 11.40 -7.85
N MET A 344 -3.99 11.65 -8.88
CA MET A 344 -4.37 10.61 -9.82
C MET A 344 -4.41 11.19 -11.23
N CYS A 345 -3.83 10.46 -12.17
CA CYS A 345 -3.76 10.86 -13.58
C CYS A 345 -5.15 11.15 -14.16
N LEU A 346 -5.35 12.36 -14.67
CA LEU A 346 -6.66 12.72 -15.25
C LEU A 346 -6.89 12.20 -16.69
N ALA A 347 -5.88 11.58 -17.27
CA ALA A 347 -6.08 10.81 -18.51
C ALA A 347 -6.94 9.57 -18.27
N PHE A 348 -7.09 9.19 -17.00
CA PHE A 348 -7.89 8.03 -16.61
C PHE A 348 -9.37 8.35 -16.46
N ALA A 349 -9.71 9.64 -16.53
CA ALA A 349 -11.08 10.11 -16.29
C ALA A 349 -12.04 9.63 -17.39
N LYS A 350 -13.34 9.55 -17.07
CA LYS A 350 -14.34 9.15 -18.05
C LYS A 350 -14.30 10.09 -19.25
N GLU A 351 -14.18 11.38 -18.98
CA GLU A 351 -13.85 12.38 -19.98
C GLU A 351 -12.43 12.86 -19.73
N PRO A 352 -11.44 12.25 -20.42
CA PRO A 352 -10.04 12.41 -20.08
C PRO A 352 -9.47 13.82 -20.33
N PHE A 353 -8.50 14.18 -19.50
CA PHE A 353 -7.73 15.41 -19.64
C PHE A 353 -6.40 15.09 -20.30
N GLU A 354 -5.79 16.10 -20.94
CA GLU A 354 -4.43 15.97 -21.45
C GLU A 354 -3.45 15.88 -20.28
N ILE A 355 -2.40 15.09 -20.45
CA ILE A 355 -1.39 14.91 -19.42
C ILE A 355 0.02 15.07 -19.98
N LYS A 356 1.00 15.16 -19.09
CA LYS A 356 2.40 15.22 -19.48
C LYS A 356 3.15 14.02 -18.92
N SER A 357 4.15 13.55 -19.66
CA SER A 357 4.99 12.45 -19.18
C SER A 357 5.76 12.83 -17.94
N GLY A 358 5.82 11.90 -16.99
CA GLY A 358 6.59 12.10 -15.77
C GLY A 358 5.82 12.76 -14.64
N ALA A 359 4.60 13.19 -14.92
CA ALA A 359 3.71 13.72 -13.88
C ALA A 359 3.09 12.56 -13.10
N CYS A 360 2.81 12.79 -11.82
CA CYS A 360 2.21 11.74 -11.01
C CYS A 360 0.72 11.97 -10.81
N GLY A 361 0.15 12.91 -11.56
CA GLY A 361 -1.29 13.15 -11.53
C GLY A 361 -1.67 14.56 -11.10
N THR A 362 -2.96 14.73 -10.83
CA THR A 362 -3.50 15.97 -10.32
C THR A 362 -4.10 15.64 -8.95
N VAL A 363 -3.94 16.56 -8.00
CA VAL A 363 -4.49 16.34 -6.66
C VAL A 363 -5.96 15.92 -6.76
N VAL A 364 -6.35 14.95 -5.93
CA VAL A 364 -7.71 14.44 -5.95
C VAL A 364 -8.73 15.52 -5.58
N ARG A 365 -9.94 15.34 -6.08
CA ARG A 365 -11.01 16.27 -5.79
C ARG A 365 -11.41 16.11 -4.33
N ASN A 366 -12.16 17.08 -3.78
CA ASN A 366 -12.54 17.08 -2.36
C ASN A 366 -11.31 17.00 -1.46
N ALA A 367 -10.28 17.74 -1.83
CA ALA A 367 -9.02 17.79 -1.07
C ALA A 367 -8.31 19.09 -1.36
N GLU A 368 -7.30 19.40 -0.55
CA GLU A 368 -6.48 20.59 -0.76
C GLU A 368 -5.03 20.19 -0.69
N MET A 369 -4.21 20.80 -1.53
CA MET A 369 -2.78 20.55 -1.53
C MET A 369 -2.02 21.86 -1.44
N LYS A 370 -0.91 21.83 -0.71
CA LYS A 370 0.03 22.95 -0.73
C LYS A 370 1.46 22.42 -0.85
N ILE A 371 2.34 23.32 -1.28
CA ILE A 371 3.76 23.02 -1.46
C ILE A 371 4.53 23.97 -0.53
N VAL A 372 5.33 23.41 0.37
CA VAL A 372 5.93 24.20 1.45
C VAL A 372 7.45 24.07 1.43
N ASP A 373 8.14 25.21 1.42
CA ASP A 373 9.60 25.24 1.51
C ASP A 373 10.02 24.71 2.89
N PRO A 374 10.80 23.61 2.93
CA PRO A 374 11.19 23.04 4.23
C PRO A 374 12.08 23.97 5.07
N LYS A 375 12.83 24.84 4.42
CA LYS A 375 13.71 25.80 5.11
C LYS A 375 12.93 26.89 5.84
N THR A 376 11.93 27.45 5.16
CA THR A 376 11.26 28.67 5.61
C THR A 376 9.86 28.43 6.17
N GLY A 377 9.24 27.34 5.75
CA GLY A 377 7.85 27.06 6.10
C GLY A 377 6.86 27.81 5.22
N ASN A 378 7.38 28.56 4.25
CA ASN A 378 6.52 29.32 3.32
C ASN A 378 5.85 28.40 2.31
N SER A 379 4.56 28.60 2.09
CA SER A 379 3.88 27.90 1.01
C SER A 379 4.28 28.55 -0.31
N LEU A 380 4.45 27.73 -1.35
CA LEU A 380 4.99 28.16 -2.63
C LEU A 380 3.96 28.21 -3.75
N PRO A 381 4.21 29.04 -4.78
CA PRO A 381 3.34 29.11 -5.95
C PRO A 381 3.66 27.99 -6.94
N ARG A 382 3.01 28.03 -8.11
CA ARG A 382 3.26 27.06 -9.18
C ARG A 382 4.72 27.06 -9.64
N ASN A 383 5.19 25.90 -10.11
CA ASN A 383 6.53 25.74 -10.67
C ASN A 383 7.68 26.00 -9.69
N GLN A 384 7.41 25.79 -8.41
CA GLN A 384 8.45 25.88 -7.40
C GLN A 384 8.38 24.64 -6.52
N SER A 385 9.53 23.98 -6.35
CA SER A 385 9.62 22.71 -5.62
C SER A 385 9.68 22.89 -4.11
N GLY A 386 8.92 22.05 -3.40
CA GLY A 386 8.93 22.06 -1.95
C GLY A 386 8.20 20.82 -1.46
N GLU A 387 7.95 20.76 -0.16
CA GLU A 387 7.33 19.58 0.42
C GLU A 387 5.83 19.54 0.13
N ILE A 388 5.37 18.41 -0.40
CA ILE A 388 3.97 18.20 -0.72
C ILE A 388 3.17 17.97 0.55
N CYS A 389 2.07 18.70 0.71
CA CYS A 389 1.19 18.58 1.86
C CYS A 389 -0.23 18.42 1.37
N ILE A 390 -1.04 17.62 2.08
CA ILE A 390 -2.43 17.42 1.68
C ILE A 390 -3.35 17.45 2.89
N ARG A 391 -4.59 17.90 2.66
CA ARG A 391 -5.63 17.99 3.68
C ARG A 391 -6.94 17.47 3.10
N GLY A 392 -7.69 16.72 3.89
CA GLY A 392 -8.99 16.22 3.46
C GLY A 392 -9.46 15.07 4.32
N ASP A 393 -10.72 14.67 4.13
CA ASP A 393 -11.33 13.61 4.94
C ASP A 393 -10.71 12.22 4.69
N GLN A 394 -9.92 12.09 3.62
CA GLN A 394 -9.36 10.79 3.24
C GLN A 394 -8.15 10.37 4.08
N ILE A 395 -7.54 11.32 4.78
CA ILE A 395 -6.27 11.01 5.42
C ILE A 395 -6.45 10.17 6.68
N MET A 396 -5.37 9.60 7.19
CA MET A 396 -5.44 8.76 8.38
C MET A 396 -5.97 9.54 9.60
N LYS A 397 -6.59 8.81 10.53
CA LYS A 397 -6.94 9.34 11.85
C LYS A 397 -5.67 9.67 12.64
N GLY A 398 -4.63 8.86 12.45
CA GLY A 398 -3.36 9.05 13.17
C GLY A 398 -2.66 7.72 13.34
N TYR A 399 -1.52 7.70 14.05
CA TYR A 399 -0.81 6.46 14.32
C TYR A 399 -1.29 5.83 15.61
N LEU A 400 -1.52 4.51 15.56
CA LEU A 400 -2.00 3.75 16.72
C LEU A 400 -1.04 3.92 17.90
N ASN A 401 -1.59 4.31 19.04
CA ASN A 401 -0.81 4.46 20.29
C ASN A 401 0.43 5.37 20.19
N ASP A 402 0.41 6.31 19.24
CA ASP A 402 1.56 7.19 19.01
C ASP A 402 1.11 8.62 18.69
N PRO A 403 0.55 9.32 19.69
CA PRO A 403 0.10 10.70 19.47
C PRO A 403 1.24 11.66 19.13
N GLU A 404 2.44 11.39 19.63
CA GLU A 404 3.61 12.21 19.34
C GLU A 404 3.97 12.17 17.85
N ALA A 405 4.01 10.97 17.26
CA ALA A 405 4.32 10.85 15.84
C ALA A 405 3.20 11.42 14.99
N THR A 406 1.95 11.26 15.43
CA THR A 406 0.81 11.83 14.71
C THR A 406 0.94 13.35 14.65
N ALA A 407 1.23 13.96 15.80
CA ALA A 407 1.38 15.41 15.94
C ALA A 407 2.48 15.99 15.08
N ARG A 408 3.52 15.20 14.81
CA ARG A 408 4.63 15.62 13.96
C ARG A 408 4.33 15.44 12.48
N THR A 409 3.28 14.69 12.15
CA THR A 409 3.00 14.27 10.78
C THR A 409 1.79 15.00 10.19
N ILE A 410 0.76 15.18 11.03
CA ILE A 410 -0.45 15.95 10.65
C ILE A 410 -0.55 17.13 11.61
N ASP A 411 -0.58 18.35 11.07
CA ASP A 411 -0.66 19.51 11.95
C ASP A 411 -2.09 19.82 12.37
N LYS A 412 -2.25 20.83 13.24
CA LYS A 412 -3.54 21.12 13.84
C LYS A 412 -4.53 21.78 12.89
N GLU A 413 -4.07 22.17 11.70
CA GLU A 413 -4.96 22.66 10.64
C GLU A 413 -5.36 21.53 9.68
N GLY A 414 -4.91 20.31 9.99
CA GLY A 414 -5.27 19.12 9.21
C GLY A 414 -4.34 18.77 8.06
N TRP A 415 -3.20 19.47 7.96
CA TRP A 415 -2.23 19.23 6.89
C TRP A 415 -1.32 18.05 7.16
N LEU A 416 -1.33 17.07 6.25
CA LEU A 416 -0.37 15.97 6.29
C LEU A 416 0.87 16.37 5.50
N TYR A 417 2.03 16.33 6.16
CA TYR A 417 3.32 16.60 5.52
C TYR A 417 3.92 15.28 5.04
N THR A 418 4.10 15.14 3.74
CA THR A 418 4.44 13.84 3.15
C THR A 418 5.91 13.48 3.19
N GLY A 419 6.79 14.49 3.31
CA GLY A 419 8.22 14.25 3.16
C GLY A 419 8.66 14.05 1.71
N ASP A 420 7.75 14.30 0.76
CA ASP A 420 8.05 14.23 -0.67
C ASP A 420 8.25 15.64 -1.20
N ILE A 421 9.18 15.82 -2.15
CA ILE A 421 9.43 17.13 -2.73
C ILE A 421 8.92 17.17 -4.16
N GLY A 422 8.15 18.20 -4.50
CA GLY A 422 7.59 18.33 -5.84
C GLY A 422 7.06 19.72 -6.14
N TYR A 423 6.53 19.87 -7.35
CA TYR A 423 5.94 21.15 -7.77
C TYR A 423 4.68 20.88 -8.60
N ILE A 424 3.79 21.87 -8.65
CA ILE A 424 2.60 21.78 -9.49
C ILE A 424 2.76 22.80 -10.61
N ASP A 425 2.46 22.39 -11.83
CA ASP A 425 2.63 23.27 -12.99
C ASP A 425 1.36 24.06 -13.34
N ASP A 426 1.40 24.80 -14.44
CA ASP A 426 0.29 25.66 -14.85
C ASP A 426 -0.96 24.88 -15.26
N ASP A 427 -0.79 23.59 -15.54
CA ASP A 427 -1.91 22.71 -15.91
C ASP A 427 -2.37 21.85 -14.73
N ASP A 428 -1.98 22.27 -13.52
CA ASP A 428 -2.31 21.56 -12.29
C ASP A 428 -1.83 20.11 -12.25
N GLU A 429 -0.69 19.87 -12.89
CA GLU A 429 -0.06 18.55 -12.85
C GLU A 429 1.07 18.56 -11.84
N LEU A 430 1.09 17.53 -11.00
CA LEU A 430 2.07 17.40 -9.93
C LEU A 430 3.24 16.56 -10.41
N PHE A 431 4.44 17.03 -10.12
CA PHE A 431 5.69 16.31 -10.43
C PHE A 431 6.48 16.11 -9.15
N ILE A 432 6.84 14.87 -8.86
CA ILE A 432 7.71 14.58 -7.72
C ILE A 432 9.15 14.59 -8.21
N VAL A 433 10.00 15.37 -7.54
CA VAL A 433 11.38 15.54 -7.98
C VAL A 433 12.41 14.96 -7.00
N ASP A 434 11.99 14.75 -5.75
CA ASP A 434 12.90 14.26 -4.71
C ASP A 434 12.13 13.76 -3.49
N ARG A 435 12.87 13.18 -2.54
CA ARG A 435 12.30 12.70 -1.29
C ARG A 435 13.12 13.28 -0.15
N LEU A 436 12.44 14.03 0.72
CA LEU A 436 13.06 14.65 1.89
C LEU A 436 13.23 13.65 3.03
N LYS A 437 12.17 12.85 3.24
CA LYS A 437 12.18 11.80 4.27
C LYS A 437 13.16 10.69 3.91
N GLU A 438 13.55 9.94 4.94
CA GLU A 438 14.57 8.90 4.88
C GLU A 438 14.11 7.60 4.20
N LEU A 439 12.80 7.45 3.98
CA LEU A 439 12.23 6.22 3.39
C LEU A 439 12.96 5.75 2.12
N ILE A 440 13.20 4.45 2.05
CA ILE A 440 13.71 3.79 0.84
C ILE A 440 12.56 3.00 0.23
N LYS A 441 12.46 3.02 -1.10
CA LYS A 441 11.48 2.21 -1.83
C LYS A 441 12.19 1.18 -2.71
N TYR A 442 12.07 -0.09 -2.33
CA TYR A 442 12.59 -1.20 -3.13
C TYR A 442 11.40 -1.81 -3.86
N LYS A 443 11.36 -1.66 -5.19
CA LYS A 443 10.24 -2.14 -6.01
C LYS A 443 8.88 -1.71 -5.47
N GLY A 444 8.80 -0.49 -4.94
CA GLY A 444 7.57 0.02 -4.35
C GLY A 444 7.32 -0.35 -2.89
N PHE A 445 8.10 -1.29 -2.36
CA PHE A 445 8.00 -1.72 -0.95
C PHE A 445 8.74 -0.73 -0.05
N GLN A 446 8.14 -0.40 1.09
CA GLN A 446 8.79 0.45 2.10
C GLN A 446 9.97 -0.27 2.74
N VAL A 447 11.11 0.41 2.80
CA VAL A 447 12.24 -0.03 3.63
C VAL A 447 12.59 1.15 4.54
N ALA A 448 12.38 0.97 5.84
CA ALA A 448 12.64 2.01 6.82
C ALA A 448 14.08 1.90 7.29
N PRO A 449 14.93 2.88 6.94
CA PRO A 449 16.34 2.78 7.35
C PRO A 449 16.51 2.66 8.86
N ALA A 450 15.64 3.33 9.64
CA ALA A 450 15.73 3.29 11.11
C ALA A 450 15.69 1.87 11.66
N GLU A 451 14.91 1.00 11.01
CA GLU A 451 14.81 -0.40 11.38
C GLU A 451 16.17 -1.09 11.18
N LEU A 452 16.76 -0.89 10.01
CA LEU A 452 18.02 -1.51 9.65
C LEU A 452 19.17 -0.93 10.46
N GLU A 453 19.12 0.38 10.70
CA GLU A 453 20.14 1.05 11.51
C GLU A 453 20.16 0.54 12.95
N ALA A 454 18.98 0.31 13.51
CA ALA A 454 18.86 -0.26 14.86
C ALA A 454 19.53 -1.63 14.93
N LEU A 455 19.30 -2.46 13.91
CA LEU A 455 19.92 -3.79 13.85
C LEU A 455 21.45 -3.71 13.74
N LEU A 456 21.93 -2.83 12.88
CA LEU A 456 23.38 -2.64 12.68
C LEU A 456 24.08 -2.14 13.93
N LEU A 457 23.48 -1.17 14.61
CA LEU A 457 24.05 -0.59 15.82
C LEU A 457 24.14 -1.60 16.97
N ASN A 458 23.28 -2.63 16.92
CA ASN A 458 23.29 -3.74 17.87
C ASN A 458 24.46 -4.70 17.71
N HIS A 459 25.11 -4.68 16.55
CA HIS A 459 26.26 -5.54 16.32
C HIS A 459 27.42 -5.05 17.17
N PRO A 460 28.06 -5.96 17.93
CA PRO A 460 29.15 -5.55 18.82
C PRO A 460 30.37 -4.98 18.08
N ASN A 461 30.47 -5.22 16.78
CA ASN A 461 31.61 -4.76 15.98
C ASN A 461 31.32 -3.58 15.06
N ILE A 462 30.13 -2.98 15.25
CA ILE A 462 29.74 -1.78 14.53
C ILE A 462 29.50 -0.64 15.53
N SER A 463 30.16 0.49 15.28
CA SER A 463 30.09 1.66 16.15
C SER A 463 28.94 2.57 15.76
N ASP A 464 28.77 2.79 14.46
CA ASP A 464 27.73 3.69 13.94
C ASP A 464 27.32 3.23 12.55
N ALA A 465 26.12 3.62 12.11
CA ALA A 465 25.64 3.21 10.79
C ALA A 465 24.55 4.12 10.26
N ALA A 466 24.47 4.20 8.92
CA ALA A 466 23.41 4.94 8.25
C ALA A 466 22.97 4.18 7.01
N VAL A 467 21.66 4.01 6.84
CA VAL A 467 21.13 3.31 5.67
C VAL A 467 20.43 4.32 4.75
N VAL A 468 20.85 4.35 3.49
CA VAL A 468 20.31 5.28 2.49
C VAL A 468 19.99 4.58 1.17
N PRO A 469 19.11 5.18 0.35
CA PRO A 469 18.85 4.55 -0.95
C PRO A 469 19.98 4.78 -1.94
N MET A 470 20.26 3.76 -2.76
CA MET A 470 21.10 3.91 -3.94
C MET A 470 20.25 3.59 -5.16
N LYS A 471 20.37 4.41 -6.19
CA LYS A 471 19.59 4.22 -7.42
C LYS A 471 19.93 2.87 -8.07
N ASP A 472 18.90 2.17 -8.55
CA ASP A 472 19.06 0.83 -9.10
C ASP A 472 18.06 0.64 -10.22
N GLU A 473 18.51 0.07 -11.35
CA GLU A 473 17.65 -0.11 -12.52
C GLU A 473 16.44 -1.02 -12.24
N GLN A 474 16.69 -2.18 -11.68
CA GLN A 474 15.65 -3.18 -11.45
C GLN A 474 14.69 -2.81 -10.32
N ALA A 475 15.23 -2.29 -9.23
CA ALA A 475 14.44 -2.07 -8.01
C ALA A 475 14.04 -0.62 -7.75
N GLY A 476 14.54 0.29 -8.58
CA GLY A 476 14.35 1.73 -8.36
C GLY A 476 15.37 2.25 -7.38
N GLU A 477 15.29 1.76 -6.14
CA GLU A 477 16.28 2.02 -5.10
C GLU A 477 16.62 0.73 -4.36
N VAL A 478 17.87 0.61 -3.93
CA VAL A 478 18.25 -0.46 -3.01
C VAL A 478 18.81 0.15 -1.71
N PRO A 479 18.63 -0.55 -0.57
CA PRO A 479 19.24 -0.08 0.67
C PRO A 479 20.75 -0.32 0.67
N VAL A 480 21.51 0.72 0.93
CA VAL A 480 22.95 0.56 1.17
C VAL A 480 23.28 1.10 2.55
N ALA A 481 24.32 0.52 3.17
CA ALA A 481 24.68 0.91 4.51
C ALA A 481 26.04 1.57 4.51
N PHE A 482 26.12 2.70 5.20
CA PHE A 482 27.42 3.28 5.57
C PHE A 482 27.68 2.86 6.99
N VAL A 483 28.85 2.25 7.21
CA VAL A 483 29.16 1.61 8.48
C VAL A 483 30.49 2.14 9.02
N VAL A 484 30.49 2.49 10.30
CA VAL A 484 31.73 2.81 11.01
C VAL A 484 32.06 1.62 11.90
N ARG A 485 33.16 0.96 11.59
CA ARG A 485 33.59 -0.17 12.39
C ARG A 485 33.99 0.28 13.79
N SER A 486 33.69 -0.55 14.79
CA SER A 486 34.19 -0.37 16.15
C SER A 486 35.72 -0.48 16.10
N ASN A 487 36.39 0.06 17.11
CA ASN A 487 37.85 -0.07 17.17
C ASN A 487 38.29 -1.54 17.20
N GLY A 488 39.16 -1.90 16.26
CA GLY A 488 39.72 -3.26 16.18
C GLY A 488 38.86 -4.25 15.42
N SER A 489 37.69 -3.79 14.97
CA SER A 489 36.77 -4.63 14.23
C SER A 489 37.26 -4.87 12.80
N THR A 490 37.06 -6.11 12.33
CA THR A 490 37.42 -6.48 10.96
C THR A 490 36.21 -6.94 10.13
N ILE A 491 35.00 -6.61 10.63
CA ILE A 491 33.77 -7.06 9.96
C ILE A 491 33.75 -6.65 8.50
N THR A 492 33.47 -7.62 7.62
CA THR A 492 33.54 -7.37 6.18
C THR A 492 32.16 -7.04 5.62
N GLU A 493 32.12 -6.57 4.37
CA GLU A 493 30.85 -6.28 3.69
C GLU A 493 29.90 -7.47 3.73
N ASP A 494 30.39 -8.67 3.39
CA ASP A 494 29.55 -9.87 3.39
C ASP A 494 29.08 -10.27 4.78
N GLU A 495 29.92 -10.03 5.78
CA GLU A 495 29.56 -10.33 7.16
C GLU A 495 28.42 -9.40 7.64
N VAL A 496 28.50 -8.12 7.26
CA VAL A 496 27.43 -7.17 7.55
C VAL A 496 26.15 -7.60 6.82
N LYS A 497 26.26 -7.86 5.52
CA LYS A 497 25.11 -8.28 4.71
C LYS A 497 24.45 -9.53 5.29
N ASP A 498 25.27 -10.54 5.65
CA ASP A 498 24.77 -11.77 6.24
C ASP A 498 24.06 -11.58 7.58
N PHE A 499 24.62 -10.72 8.42
CA PHE A 499 24.03 -10.37 9.72
C PHE A 499 22.62 -9.81 9.55
N ILE A 500 22.45 -8.96 8.53
CA ILE A 500 21.14 -8.40 8.22
C ILE A 500 20.23 -9.42 7.53
N SER A 501 20.78 -10.16 6.56
CA SER A 501 20.02 -11.12 5.75
C SER A 501 19.33 -12.20 6.59
N LYS A 502 19.90 -12.51 7.75
CA LYS A 502 19.35 -13.56 8.61
C LYS A 502 18.17 -13.09 9.45
N GLN A 503 17.85 -11.79 9.38
CA GLN A 503 16.88 -11.16 10.29
C GLN A 503 15.73 -10.37 9.63
N VAL A 504 15.79 -10.19 8.31
CA VAL A 504 14.79 -9.36 7.62
C VAL A 504 14.28 -10.01 6.35
N ILE A 505 13.07 -9.63 5.94
CA ILE A 505 12.53 -10.03 4.64
C ILE A 505 13.47 -9.63 3.50
N PHE A 506 13.47 -10.40 2.41
CA PHE A 506 14.45 -10.26 1.33
C PHE A 506 14.64 -8.82 0.82
N TYR A 507 13.54 -8.09 0.67
CA TYR A 507 13.61 -6.77 0.03
C TYR A 507 14.29 -5.71 0.92
N LYS A 508 14.42 -6.02 2.22
CA LYS A 508 15.06 -5.11 3.16
C LYS A 508 16.56 -5.33 3.24
N ARG A 509 17.09 -6.32 2.53
CA ARG A 509 18.51 -6.63 2.58
C ARG A 509 19.38 -5.48 2.09
N ILE A 510 20.53 -5.32 2.74
CA ILE A 510 21.53 -4.36 2.33
C ILE A 510 22.25 -4.90 1.10
N LYS A 511 22.32 -4.11 0.04
CA LYS A 511 22.94 -4.54 -1.22
C LYS A 511 24.40 -4.13 -1.35
N ARG A 512 24.78 -3.06 -0.64
CA ARG A 512 26.19 -2.61 -0.60
C ARG A 512 26.52 -2.07 0.78
N VAL A 513 27.75 -2.30 1.23
CA VAL A 513 28.23 -1.70 2.47
C VAL A 513 29.46 -0.86 2.17
N PHE A 514 29.42 0.39 2.61
CA PHE A 514 30.54 1.32 2.47
C PHE A 514 31.07 1.64 3.86
N PHE A 515 32.34 1.32 4.09
CA PHE A 515 32.93 1.54 5.40
C PHE A 515 33.59 2.92 5.43
N VAL A 516 33.23 3.70 6.43
CA VAL A 516 33.68 5.08 6.58
C VAL A 516 34.20 5.33 7.99
N ASP A 517 34.99 6.40 8.15
CA ASP A 517 35.51 6.77 9.47
C ASP A 517 34.46 7.36 10.39
N ALA A 518 33.51 8.09 9.79
CA ALA A 518 32.43 8.72 10.52
C ALA A 518 31.21 8.88 9.62
N ILE A 519 30.03 8.77 10.24
CA ILE A 519 28.78 9.04 9.52
C ILE A 519 28.61 10.55 9.43
N PRO A 520 28.49 11.09 8.19
CA PRO A 520 28.28 12.52 7.99
C PRO A 520 27.01 12.97 8.72
N LYS A 521 27.20 13.82 9.73
CA LYS A 521 26.08 14.34 10.50
C LYS A 521 26.05 15.86 10.48
N SER A 522 24.86 16.41 10.71
CA SER A 522 24.70 17.85 10.94
C SER A 522 25.37 18.19 12.28
N PRO A 523 25.61 19.48 12.55
CA PRO A 523 26.11 19.87 13.87
C PRO A 523 25.28 19.28 15.01
N SER A 524 23.97 19.18 14.84
CA SER A 524 23.09 18.58 15.84
C SER A 524 23.25 17.06 15.94
N GLY A 525 23.88 16.46 14.93
CA GLY A 525 24.12 15.01 14.93
C GLY A 525 23.09 14.19 14.17
N LYS A 526 22.24 14.86 13.38
CA LYS A 526 21.30 14.15 12.51
C LYS A 526 22.00 13.74 11.23
N ILE A 527 21.76 12.50 10.81
CA ILE A 527 22.43 11.95 9.64
C ILE A 527 22.18 12.83 8.42
N LEU A 528 23.27 13.25 7.78
CA LEU A 528 23.18 13.99 6.53
C LEU A 528 22.92 13.04 5.38
N ARG A 529 21.68 12.58 5.30
CA ARG A 529 21.29 11.59 4.30
C ARG A 529 21.45 12.13 2.89
N LYS A 530 21.09 13.40 2.68
CA LYS A 530 21.25 14.04 1.37
C LYS A 530 22.72 14.04 0.92
N ASP A 531 23.62 14.30 1.87
CA ASP A 531 25.06 14.24 1.60
C ASP A 531 25.54 12.84 1.22
N LEU A 532 25.04 11.84 1.92
CA LEU A 532 25.35 10.43 1.61
C LEU A 532 24.82 10.02 0.25
N ARG A 533 23.58 10.41 -0.06
CA ARG A 533 22.98 10.15 -1.38
C ARG A 533 23.79 10.81 -2.49
N ALA A 534 24.35 11.98 -2.20
CA ALA A 534 25.18 12.72 -3.16
C ALA A 534 26.51 12.04 -3.43
N LYS A 535 27.11 11.46 -2.38
CA LYS A 535 28.33 10.66 -2.52
C LYS A 535 28.09 9.48 -3.46
N LEU A 536 26.93 8.85 -3.33
CA LEU A 536 26.55 7.72 -4.18
C LEU A 536 26.26 8.20 -5.60
O1P 4UV B . 3.13 4.52 2.05
P 4UV B . 3.63 3.98 0.75
O3P 4UV B . 4.14 2.57 0.64
O2P 4UV B . 2.36 4.19 -0.24
CAR 4UV B . 2.35 4.01 -1.69
CAQ 4UV B . 1.04 3.96 -2.36
CAP 4UV B . 0.95 4.37 -3.63
CAK 4UV B . -0.30 4.34 -4.42
CAH 4UV B . -1.55 4.07 -3.85
CAS 4UV B . -2.71 4.04 -4.65
CAC 4UV B . -2.60 4.31 -6.02
OBF 4UV B . -3.62 4.29 -6.76
CAD 4UV B . -1.36 4.57 -6.58
O35 4UV B . -1.27 4.79 -7.82
CAJ 4UV B . -0.21 4.60 -5.79
O34 4UV B . 3.39 3.89 -2.32
O5' 4UV B . 4.77 4.94 0.15
C5' 4UV B . 4.45 6.29 -0.18
C4' 4UV B . 5.66 6.94 -0.84
O4' 4UV B . 6.00 6.29 -2.07
C1' 4UV B . 6.47 7.27 -3.02
C2' 4UV B . 6.44 8.61 -2.29
O2' 4UV B . 7.72 8.81 -1.68
C3' 4UV B . 5.40 8.39 -1.21
O3' 4UV B . 5.58 9.26 -0.08
N9 4UV B . 5.57 7.29 -4.20
C8 4UV B . 4.33 6.82 -4.28
N7 4UV B . 3.84 7.03 -5.53
C5 4UV B . 4.82 7.65 -6.24
C4 4UV B . 5.90 7.81 -5.39
C6 4UV B . 4.93 8.12 -7.55
N6 4UV B . 3.93 7.99 -8.44
N1 4UV B . 6.07 8.72 -7.95
C2 4UV B . 7.10 8.86 -7.10
N3 4UV B . 7.03 8.43 -5.83
C1 GOL C . -11.23 10.47 10.24
O1 GOL C . -12.26 9.50 10.16
C2 GOL C . -10.70 10.81 8.86
O2 GOL C . -11.68 11.50 8.13
C3 GOL C . -9.49 11.74 9.05
O3 GOL C . -9.06 12.19 7.79
MG MG D . -23.09 4.73 11.84
#